data_6ACI
#
_entry.id   6ACI
#
_cell.length_a   84.590
_cell.length_b   84.590
_cell.length_c   145.881
_cell.angle_alpha   90.00
_cell.angle_beta   90.00
_cell.angle_gamma   120.00
#
_symmetry.space_group_name_H-M   'P 31 2 1'
#
loop_
_entity.id
_entity.type
_entity.pdbx_description
1 polymer 'T3SS secreted effector NleB homolog'
2 polymer 'FAS-associated death domain protein'
3 non-polymer "URIDINE-5'-DIPHOSPHATE"
4 non-polymer 'MANGANESE (II) ION'
5 water water
#
loop_
_entity_poly.entity_id
_entity_poly.type
_entity_poly.pdbx_seq_one_letter_code
_entity_poly.pdbx_strand_id
1 'polypeptide(L)'
;SGRPSFAGKEYSLEPIDERTPILFQWFEARPERYEKGEVPILNTKEHPYLSNIINAAKIENERIIGVLVDGNFTYEQKKE
FLNLENEHQNIAIIYRADVDFSMYDKKLSDIYLENIHKQESYPASERDNYLLGLLREELKNIPEGKDSLIESYAEKREHT
WFDFFRNLAILKAGSLFTETGKTGCHNISPCSGCIYLDADMIITDKLGVLYAPDGIAVHVDCNDEIKSLENGAIVVNRSN
HPALLAGLDIMKSKVDAHPYYDGLGKGIKRHFNYSSLHNYNAFCDFIEFKHENIIPNTSMYTSSSW
;
A
2 'polypeptide(L)'
;GEEDLCAAFNVICDNVGKDWRRLARQLKVSDTKIDSIEDRYPRNLTERVRESLRIWKNTEKENATVAHLVGALRSCQMNL
VADLVQEVQQAR
;
H
#
# COMPACT_ATOMS: atom_id res chain seq x y z
N ARG A 3 -25.44 -12.67 -10.76
CA ARG A 3 -24.84 -11.72 -9.82
C ARG A 3 -23.67 -12.39 -9.10
N PRO A 4 -22.56 -11.67 -8.91
CA PRO A 4 -21.40 -12.32 -8.29
C PRO A 4 -21.73 -12.64 -6.83
N SER A 5 -21.12 -13.67 -6.26
CA SER A 5 -21.44 -13.98 -4.87
C SER A 5 -20.18 -14.45 -4.18
N PHE A 6 -20.11 -14.27 -2.86
CA PHE A 6 -19.02 -14.83 -2.08
C PHE A 6 -19.53 -15.00 -0.64
N ALA A 7 -19.07 -16.04 0.05
CA ALA A 7 -19.39 -16.31 1.47
C ALA A 7 -20.92 -16.22 1.69
N GLY A 8 -21.68 -16.82 0.77
CA GLY A 8 -23.12 -16.90 1.01
C GLY A 8 -23.92 -15.65 0.76
N LYS A 9 -23.30 -14.62 0.19
CA LYS A 9 -24.01 -13.38 -0.10
C LYS A 9 -23.85 -13.02 -1.58
N GLU A 10 -24.91 -12.42 -2.17
CA GLU A 10 -24.81 -11.96 -3.55
C GLU A 10 -24.66 -10.47 -3.59
N TYR A 11 -24.01 -9.99 -4.63
CA TYR A 11 -23.72 -8.57 -4.78
C TYR A 11 -24.11 -8.11 -6.16
N SER A 12 -24.22 -6.82 -6.33
CA SER A 12 -24.36 -6.22 -7.66
C SER A 12 -23.03 -5.88 -8.21
N LEU A 13 -22.92 -6.01 -9.54
CA LEU A 13 -21.81 -5.48 -10.29
C LEU A 13 -22.03 -4.00 -10.42
N GLU A 14 -21.36 -3.18 -9.64
CA GLU A 14 -21.64 -1.75 -9.68
C GLU A 14 -20.84 -1.08 -10.79
N PRO A 15 -21.49 -0.20 -11.57
CA PRO A 15 -20.81 0.54 -12.64
C PRO A 15 -19.93 1.66 -12.11
N ILE A 16 -18.77 1.76 -12.71
CA ILE A 16 -17.86 2.87 -12.45
C ILE A 16 -17.84 3.68 -13.73
N ASP A 17 -18.53 4.81 -13.76
CA ASP A 17 -18.79 5.43 -15.08
C ASP A 17 -17.55 6.00 -15.76
N GLU A 18 -17.70 6.30 -17.04
CA GLU A 18 -16.54 6.60 -17.87
C GLU A 18 -15.94 7.99 -17.60
N ARG A 19 -16.53 8.77 -16.71
CA ARG A 19 -15.90 10.04 -16.28
C ARG A 19 -15.14 9.92 -14.95
N THR A 20 -15.03 8.72 -14.41
CA THR A 20 -14.28 8.50 -13.19
C THR A 20 -12.82 8.85 -13.41
N PRO A 21 -12.24 9.66 -12.52
CA PRO A 21 -10.83 10.01 -12.69
C PRO A 21 -9.90 8.83 -12.48
N ILE A 22 -8.74 8.94 -13.08
CA ILE A 22 -7.73 7.91 -12.94
C ILE A 22 -6.62 8.49 -12.08
N LEU A 23 -6.13 7.71 -11.11
CA LEU A 23 -5.11 8.21 -10.19
C LEU A 23 -3.85 7.39 -10.26
N PHE A 24 -2.71 8.03 -10.47
CA PHE A 24 -1.40 7.40 -10.32
C PHE A 24 -0.71 7.94 -9.09
N GLN A 25 0.42 7.34 -8.75
CA GLN A 25 1.16 7.79 -7.58
C GLN A 25 2.66 7.76 -7.81
N TRP A 26 3.37 8.80 -7.42
CA TRP A 26 4.82 8.75 -7.44
C TRP A 26 5.39 9.43 -6.20
N PHE A 27 5.87 8.62 -5.25
CA PHE A 27 6.47 9.15 -4.03
C PHE A 27 7.97 8.98 -4.18
N GLU A 28 8.69 10.10 -4.12
CA GLU A 28 10.11 10.14 -4.52
C GLU A 28 11.02 10.39 -3.32
N ALA A 29 11.71 9.35 -2.89
CA ALA A 29 12.64 9.46 -1.76
C ALA A 29 13.96 10.16 -2.15
N ARG A 30 14.26 10.20 -3.44
CA ARG A 30 15.56 10.70 -3.90
C ARG A 30 15.38 11.69 -5.04
N PRO A 31 14.76 12.84 -4.76
CA PRO A 31 14.46 13.75 -5.88
C PRO A 31 15.73 14.35 -6.51
N GLU A 32 16.86 14.24 -5.82
CA GLU A 32 18.14 14.73 -6.32
C GLU A 32 18.67 13.87 -7.44
N ARG A 33 18.05 12.73 -7.70
CA ARG A 33 18.57 11.84 -8.72
C ARG A 33 18.23 12.32 -10.14
N TYR A 34 17.34 13.30 -10.26
CA TYR A 34 16.89 13.77 -11.59
C TYR A 34 17.81 14.89 -12.13
N GLU A 35 17.92 15.02 -13.45
CA GLU A 35 18.67 16.14 -14.02
C GLU A 35 17.90 17.45 -13.92
N LYS A 36 18.61 18.58 -14.00
CA LYS A 36 17.94 19.87 -13.97
C LYS A 36 16.98 19.94 -15.17
N GLY A 37 15.80 20.50 -14.94
CA GLY A 37 14.78 20.58 -15.97
C GLY A 37 13.92 19.34 -16.13
N GLU A 38 14.14 18.29 -15.31
CA GLU A 38 13.35 17.05 -15.45
C GLU A 38 12.20 17.07 -14.43
N VAL A 39 11.01 16.66 -14.86
CA VAL A 39 9.93 16.30 -13.92
C VAL A 39 10.43 15.13 -13.06
N PRO A 40 10.28 15.25 -11.73
CA PRO A 40 10.87 14.21 -10.88
C PRO A 40 9.96 13.00 -10.62
N ILE A 41 9.54 12.41 -11.73
CA ILE A 41 8.87 11.12 -11.77
C ILE A 41 9.70 10.24 -12.66
N LEU A 42 10.01 9.05 -12.17
CA LEU A 42 10.88 8.13 -12.88
C LEU A 42 10.47 7.94 -14.35
N ASN A 43 11.47 8.02 -15.24
CA ASN A 43 11.15 7.97 -16.66
C ASN A 43 12.35 7.50 -17.47
N THR A 44 12.88 6.35 -17.08
CA THR A 44 14.01 5.68 -17.76
C THR A 44 13.53 4.69 -18.82
N LYS A 45 14.44 4.19 -19.65
CA LYS A 45 14.06 3.15 -20.58
C LYS A 45 13.52 1.94 -19.83
N GLU A 46 14.15 1.60 -18.71
CA GLU A 46 13.66 0.51 -17.88
C GLU A 46 12.31 0.82 -17.19
N HIS A 47 12.14 2.05 -16.71
CA HIS A 47 10.92 2.41 -15.98
C HIS A 47 10.34 3.70 -16.58
N PRO A 48 9.61 3.58 -17.70
CA PRO A 48 9.18 4.78 -18.42
C PRO A 48 7.89 5.33 -17.82
N TYR A 49 7.90 5.54 -16.53
CA TYR A 49 6.62 5.70 -15.82
C TYR A 49 5.92 7.04 -16.14
N LEU A 50 6.69 8.14 -16.18
CA LEU A 50 6.07 9.43 -16.54
C LEU A 50 5.49 9.35 -17.96
N SER A 51 6.26 8.74 -18.88
CA SER A 51 5.76 8.53 -20.22
C SER A 51 4.48 7.72 -20.25
N ASN A 52 4.40 6.66 -19.45
CA ASN A 52 3.16 5.86 -19.38
C ASN A 52 1.96 6.69 -18.92
N ILE A 53 2.20 7.52 -17.91
CA ILE A 53 1.13 8.36 -17.32
C ILE A 53 0.63 9.37 -18.36
N ILE A 54 1.58 10.01 -19.02
CA ILE A 54 1.24 10.95 -20.11
C ILE A 54 0.43 10.24 -21.19
N ASN A 55 0.85 9.04 -21.60
CA ASN A 55 0.07 8.36 -22.59
C ASN A 55 -1.31 7.96 -22.12
N ALA A 56 -1.45 7.60 -20.83
CA ALA A 56 -2.79 7.35 -20.31
C ALA A 56 -3.68 8.58 -20.44
N ALA A 57 -3.12 9.74 -20.09
CA ALA A 57 -3.91 10.95 -20.13
C ALA A 57 -4.28 11.25 -21.59
N LYS A 58 -3.36 10.94 -22.50
CA LYS A 58 -3.60 11.19 -23.94
C LYS A 58 -4.78 10.33 -24.40
N ILE A 59 -4.78 9.05 -24.03
CA ILE A 59 -5.89 8.18 -24.39
C ILE A 59 -7.23 8.52 -23.74
N GLU A 60 -7.21 8.72 -22.43
CA GLU A 60 -8.42 9.00 -21.70
C GLU A 60 -8.70 10.50 -21.68
N ASN A 61 -8.87 11.10 -22.85
CA ASN A 61 -9.00 12.55 -22.97
C ASN A 61 -10.24 13.16 -22.30
N GLU A 62 -11.23 12.34 -21.95
CA GLU A 62 -12.42 12.82 -21.28
C GLU A 62 -12.36 12.68 -19.74
N ARG A 63 -11.24 12.23 -19.20
CA ARG A 63 -11.08 12.13 -17.74
C ARG A 63 -10.01 13.04 -17.27
N ILE A 64 -9.95 13.24 -15.96
CA ILE A 64 -8.78 13.79 -15.33
C ILE A 64 -7.85 12.67 -14.89
N ILE A 65 -6.56 12.83 -15.16
CA ILE A 65 -5.54 11.89 -14.71
C ILE A 65 -4.80 12.60 -13.58
N GLY A 66 -4.93 12.10 -12.37
CA GLY A 66 -4.21 12.68 -11.27
C GLY A 66 -2.96 11.91 -10.98
N VAL A 67 -1.97 12.60 -10.43
CA VAL A 67 -0.77 11.91 -9.90
C VAL A 67 -0.55 12.42 -8.47
N LEU A 68 -0.69 11.51 -7.50
CA LEU A 68 -0.45 11.89 -6.12
C LEU A 68 1.05 11.80 -5.90
N VAL A 69 1.69 12.92 -5.52
CA VAL A 69 3.15 12.92 -5.41
C VAL A 69 3.57 13.33 -3.99
N ASP A 70 4.76 12.94 -3.58
CA ASP A 70 5.32 13.33 -2.32
C ASP A 70 6.81 13.20 -2.41
N GLY A 71 7.51 13.91 -1.54
CA GLY A 71 8.96 13.89 -1.56
C GLY A 71 9.47 15.31 -1.38
N ASN A 72 10.75 15.48 -1.12
CA ASN A 72 11.31 16.82 -0.86
C ASN A 72 11.65 17.52 -2.20
N PHE A 73 10.62 17.82 -2.97
CA PHE A 73 10.86 18.36 -4.30
C PHE A 73 11.44 19.78 -4.21
N THR A 74 12.37 20.12 -5.11
CA THR A 74 12.89 21.51 -5.10
C THR A 74 11.90 22.48 -5.76
N TYR A 75 12.12 23.77 -5.55
CA TYR A 75 11.34 24.82 -6.20
C TYR A 75 11.38 24.61 -7.72
N GLU A 76 12.54 24.30 -8.29
CA GLU A 76 12.58 24.11 -9.74
C GLU A 76 11.76 22.89 -10.18
N GLN A 77 11.77 21.84 -9.37
CA GLN A 77 10.96 20.64 -9.66
C GLN A 77 9.46 20.96 -9.61
N LYS A 78 9.07 21.83 -8.70
CA LYS A 78 7.69 22.25 -8.63
C LYS A 78 7.27 23.06 -9.85
N LYS A 79 8.15 23.89 -10.38
CA LYS A 79 7.88 24.48 -11.71
C LYS A 79 7.74 23.46 -12.82
N GLU A 80 8.57 22.41 -12.79
CA GLU A 80 8.48 21.39 -13.84
C GLU A 80 7.13 20.67 -13.75
N PHE A 81 6.60 20.47 -12.52
CA PHE A 81 5.25 19.90 -12.39
C PHE A 81 4.18 20.84 -12.95
N LEU A 82 4.33 22.14 -12.66
CA LEU A 82 3.42 23.13 -13.27
C LEU A 82 3.46 23.10 -14.77
N ASN A 83 4.68 23.02 -15.32
CA ASN A 83 4.84 23.00 -16.75
C ASN A 83 4.20 21.76 -17.33
N LEU A 84 4.37 20.64 -16.63
CA LEU A 84 3.76 19.41 -17.07
C LEU A 84 2.25 19.57 -17.15
N GLU A 85 1.65 20.22 -16.16
CA GLU A 85 0.21 20.41 -16.15
C GLU A 85 -0.22 21.38 -17.26
N ASN A 86 0.66 22.31 -17.57
CA ASN A 86 0.33 23.29 -18.58
C ASN A 86 0.35 22.64 -19.96
N GLU A 87 1.26 21.69 -20.15
CA GLU A 87 1.40 20.95 -21.41
C GLU A 87 0.35 19.88 -21.63
N HIS A 88 -0.17 19.31 -20.55
CA HIS A 88 -1.15 18.26 -20.70
C HIS A 88 -2.38 18.65 -19.93
N GLN A 89 -3.41 19.01 -20.69
CA GLN A 89 -4.61 19.65 -20.16
C GLN A 89 -5.33 18.90 -19.02
N ASN A 90 -5.32 17.58 -19.05
CA ASN A 90 -6.13 16.80 -18.12
C ASN A 90 -5.27 16.07 -17.07
N ILE A 91 -4.06 16.56 -16.84
CA ILE A 91 -3.21 16.00 -15.79
C ILE A 91 -3.19 16.90 -14.59
N ALA A 92 -3.53 16.34 -13.42
CA ALA A 92 -3.46 17.08 -12.15
C ALA A 92 -2.36 16.50 -11.26
N ILE A 93 -1.43 17.34 -10.84
CA ILE A 93 -0.38 16.90 -9.95
C ILE A 93 -0.87 17.29 -8.57
N ILE A 94 -0.99 16.31 -7.69
CA ILE A 94 -1.62 16.54 -6.36
C ILE A 94 -0.60 16.24 -5.29
N TYR A 95 -0.10 17.26 -4.56
CA TYR A 95 0.91 17.01 -3.55
C TYR A 95 0.22 16.43 -2.30
N ARG A 96 0.81 15.36 -1.75
CA ARG A 96 0.31 14.72 -0.53
C ARG A 96 0.04 15.75 0.57
N ALA A 97 1.03 16.60 0.75
CA ALA A 97 0.93 17.56 1.85
C ALA A 97 -0.20 18.57 1.64
N ASP A 98 -0.76 18.68 0.44
CA ASP A 98 -1.83 19.65 0.19
C ASP A 98 -3.21 19.03 0.35
N VAL A 99 -3.25 17.74 0.62
CA VAL A 99 -4.54 17.07 0.64
C VAL A 99 -5.04 17.08 2.06
N ASP A 100 -6.36 17.24 2.21
CA ASP A 100 -6.92 17.17 3.55
C ASP A 100 -7.27 15.71 3.89
N PHE A 101 -6.40 15.08 4.65
CA PHE A 101 -6.69 13.73 5.14
C PHE A 101 -7.14 13.73 6.60
N SER A 102 -7.38 14.91 7.20
CA SER A 102 -7.47 14.94 8.66
C SER A 102 -8.69 14.16 9.18
N MET A 103 -9.68 13.93 8.32
CA MET A 103 -10.85 13.20 8.75
C MET A 103 -10.55 11.70 8.99
N TYR A 104 -9.38 11.24 8.57
CA TYR A 104 -9.00 9.83 8.73
C TYR A 104 -8.00 9.59 9.82
N ASP A 105 -7.59 10.63 10.54
CA ASP A 105 -6.46 10.46 11.44
C ASP A 105 -6.86 9.93 12.79
N LYS A 106 -5.86 9.49 13.54
CA LYS A 106 -6.02 9.06 14.93
C LYS A 106 -4.71 9.33 15.63
N LYS A 107 -4.75 9.66 16.93
CA LYS A 107 -3.50 9.79 17.69
C LYS A 107 -2.81 8.47 17.91
N LEU A 108 -1.49 8.40 17.74
CA LEU A 108 -0.77 7.19 18.09
C LEU A 108 -0.91 6.85 19.54
N SER A 109 -0.94 7.87 20.40
CA SER A 109 -1.04 7.60 21.82
C SER A 109 -2.34 6.85 22.13
N ASP A 110 -3.42 7.19 21.42
CA ASP A 110 -4.66 6.42 21.61
C ASP A 110 -4.57 4.99 21.13
N ILE A 111 -3.94 4.77 19.97
CA ILE A 111 -3.78 3.42 19.51
C ILE A 111 -3.01 2.61 20.55
N TYR A 112 -1.91 3.16 21.08
CA TYR A 112 -1.13 2.36 22.02
C TYR A 112 -1.87 2.10 23.32
N LEU A 113 -2.49 3.14 23.86
CA LEU A 113 -3.23 2.98 25.12
C LEU A 113 -4.34 1.95 25.00
N GLU A 114 -5.08 1.98 23.88
CA GLU A 114 -6.17 1.02 23.71
C GLU A 114 -5.62 -0.39 23.70
N ASN A 115 -4.46 -0.53 23.06
CA ASN A 115 -3.87 -1.84 22.95
C ASN A 115 -3.27 -2.32 24.25
N ILE A 116 -2.75 -1.37 25.03
CA ILE A 116 -2.28 -1.78 26.35
C ILE A 116 -3.42 -2.34 27.17
N HIS A 117 -4.57 -1.66 27.18
CA HIS A 117 -5.71 -2.14 27.91
C HIS A 117 -6.21 -3.46 27.37
N LYS A 118 -6.15 -3.61 26.05
CA LYS A 118 -6.55 -4.90 25.47
C LYS A 118 -5.65 -6.03 25.96
N GLN A 119 -4.32 -5.87 25.89
CA GLN A 119 -3.42 -6.89 26.37
C GLN A 119 -3.59 -7.14 27.90
N GLU A 120 -3.82 -6.09 28.69
CA GLU A 120 -4.04 -6.27 30.13
C GLU A 120 -5.35 -7.04 30.39
N SER A 121 -6.32 -6.99 29.48
CA SER A 121 -7.60 -7.69 29.73
C SER A 121 -7.45 -9.21 29.55
N TYR A 122 -6.40 -9.65 28.88
CA TYR A 122 -6.12 -11.07 28.76
C TYR A 122 -5.51 -11.64 30.02
N PRO A 123 -5.81 -12.91 30.33
CA PRO A 123 -5.03 -13.59 31.36
C PRO A 123 -3.55 -13.54 31.07
N ALA A 124 -2.75 -13.42 32.12
CA ALA A 124 -1.30 -13.29 31.98
C ALA A 124 -0.63 -14.37 31.14
N SER A 125 -1.13 -15.60 31.24
CA SER A 125 -0.56 -16.73 30.48
C SER A 125 -1.02 -16.72 29.03
N GLU A 126 -1.98 -15.86 28.73
CA GLU A 126 -2.56 -15.81 27.37
C GLU A 126 -2.29 -14.52 26.62
N ARG A 127 -1.41 -13.66 27.13
CA ARG A 127 -1.23 -12.37 26.46
C ARG A 127 0.11 -12.30 25.74
N ASP A 128 0.28 -11.25 24.93
CA ASP A 128 1.57 -10.99 24.28
C ASP A 128 2.42 -10.09 25.17
N ASN A 129 3.13 -10.68 26.12
CA ASN A 129 3.87 -9.93 27.12
C ASN A 129 4.93 -9.03 26.50
N TYR A 130 5.58 -9.50 25.44
CA TYR A 130 6.59 -8.72 24.71
C TYR A 130 5.97 -7.47 24.09
N LEU A 131 4.89 -7.66 23.36
CA LEU A 131 4.14 -6.56 22.78
C LEU A 131 3.67 -5.56 23.82
N LEU A 132 3.20 -6.02 24.97
CA LEU A 132 2.73 -5.13 26.04
C LEU A 132 3.88 -4.24 26.52
N GLY A 133 5.08 -4.79 26.57
CA GLY A 133 6.26 -4.01 26.92
C GLY A 133 6.69 -3.06 25.82
N LEU A 134 6.66 -3.49 24.56
CA LEU A 134 6.91 -2.58 23.46
C LEU A 134 5.92 -1.41 23.45
N LEU A 135 4.64 -1.66 23.71
CA LEU A 135 3.62 -0.59 23.69
C LEU A 135 3.90 0.49 24.71
N ARG A 136 4.20 0.07 25.94
CA ARG A 136 4.56 1.04 26.95
C ARG A 136 5.79 1.87 26.57
N GLU A 137 6.78 1.26 25.95
CA GLU A 137 7.92 2.03 25.47
C GLU A 137 7.60 2.88 24.22
N GLU A 138 6.77 2.38 23.32
CA GLU A 138 6.39 3.20 22.17
C GLU A 138 5.67 4.45 22.66
N LEU A 139 4.84 4.29 23.71
CA LEU A 139 4.01 5.39 24.18
C LEU A 139 4.91 6.51 24.68
N LYS A 140 5.95 6.14 25.40
CA LYS A 140 6.92 7.10 25.92
C LYS A 140 7.75 7.81 24.84
N ASN A 141 7.89 7.21 23.65
CA ASN A 141 8.77 7.73 22.62
C ASN A 141 8.13 8.32 21.39
N ILE A 142 6.86 8.72 21.50
CA ILE A 142 6.23 9.47 20.41
C ILE A 142 6.86 10.82 20.18
N PRO A 143 7.30 11.11 18.95
CA PRO A 143 7.96 12.39 18.63
C PRO A 143 7.07 13.56 18.94
N GLU A 144 7.67 14.60 19.53
CA GLU A 144 6.88 15.78 19.89
C GLU A 144 6.28 16.38 18.62
N GLY A 145 5.01 16.76 18.71
CA GLY A 145 4.26 17.25 17.58
C GLY A 145 3.88 16.22 16.52
N LYS A 146 4.22 14.94 16.74
CA LYS A 146 3.91 13.88 15.74
C LYS A 146 3.01 12.75 16.26
N ASP A 147 2.09 13.06 17.19
CA ASP A 147 1.20 12.07 17.77
C ASP A 147 0.01 11.86 16.84
N SER A 148 0.28 11.19 15.73
CA SER A 148 -0.67 11.17 14.62
C SER A 148 -0.28 9.97 13.72
N LEU A 149 -1.24 9.09 13.49
CA LEU A 149 -1.03 7.94 12.58
C LEU A 149 -0.60 8.48 11.21
N ILE A 150 -1.28 9.49 10.72
CA ILE A 150 -1.04 9.95 9.35
C ILE A 150 0.33 10.63 9.27
N GLU A 151 0.66 11.48 10.25
CA GLU A 151 1.98 12.06 10.22
C GLU A 151 3.09 11.02 10.40
N SER A 152 2.84 9.96 11.14
CA SER A 152 3.89 8.98 11.31
C SER A 152 4.22 8.28 9.95
N TYR A 153 3.25 8.14 9.07
CA TYR A 153 3.56 7.54 7.76
C TYR A 153 4.13 8.58 6.78
N ALA A 154 3.78 9.84 6.96
CA ALA A 154 4.21 10.90 6.06
C ALA A 154 5.74 11.06 6.11
N GLU A 155 6.28 10.64 7.24
CA GLU A 155 7.72 10.73 7.49
C GLU A 155 8.51 9.60 6.91
N LYS A 156 7.86 8.50 6.57
CA LYS A 156 8.59 7.31 6.14
C LYS A 156 9.06 7.43 4.72
N ARG A 157 10.11 6.65 4.43
CA ARG A 157 10.70 6.64 3.10
C ARG A 157 10.98 5.19 2.72
N GLU A 158 9.97 4.35 2.84
CA GLU A 158 10.10 2.98 2.35
C GLU A 158 8.71 2.72 1.85
N HIS A 159 8.41 1.50 1.39
CA HIS A 159 7.20 1.30 0.62
C HIS A 159 5.92 1.58 1.39
N THR A 160 5.96 1.56 2.72
CA THR A 160 4.68 1.78 3.44
C THR A 160 4.21 3.22 3.37
N TRP A 161 5.15 4.11 3.06
CA TRP A 161 4.86 5.54 2.75
C TRP A 161 3.90 5.64 1.57
N PHE A 162 4.24 4.99 0.43
CA PHE A 162 3.28 5.09 -0.63
C PHE A 162 2.02 4.17 -0.45
N ASP A 163 2.14 3.00 0.17
CA ASP A 163 0.95 2.16 0.36
C ASP A 163 -0.12 2.85 1.23
N PHE A 164 0.34 3.50 2.29
CA PHE A 164 -0.60 4.09 3.27
C PHE A 164 -1.39 5.25 2.64
N PHE A 165 -0.68 6.17 1.96
CA PHE A 165 -1.41 7.26 1.34
C PHE A 165 -2.15 6.87 0.11
N ARG A 166 -1.78 5.74 -0.50
CA ARG A 166 -2.57 5.27 -1.62
C ARG A 166 -3.97 4.92 -1.11
N ASN A 167 -4.06 4.20 0.01
CA ASN A 167 -5.37 3.84 0.55
C ASN A 167 -6.16 5.12 0.89
N LEU A 168 -5.49 6.07 1.54
CA LEU A 168 -6.29 7.25 1.92
C LEU A 168 -6.75 8.05 0.71
N ALA A 169 -5.90 8.12 -0.33
CA ALA A 169 -6.28 8.90 -1.53
C ALA A 169 -7.48 8.24 -2.24
N ILE A 170 -7.55 6.91 -2.21
CA ILE A 170 -8.67 6.23 -2.79
C ILE A 170 -9.93 6.34 -1.93
N LEU A 171 -9.75 6.43 -0.61
CA LEU A 171 -10.91 6.80 0.22
C LEU A 171 -11.45 8.19 -0.16
N LYS A 172 -10.56 9.14 -0.38
CA LYS A 172 -11.01 10.48 -0.84
C LYS A 172 -11.69 10.40 -2.23
N ALA A 173 -11.06 9.63 -3.13
CA ALA A 173 -11.57 9.37 -4.47
C ALA A 173 -11.93 10.71 -5.17
N GLY A 174 -13.18 10.89 -5.59
CA GLY A 174 -13.53 12.13 -6.30
C GLY A 174 -13.19 13.43 -5.59
N SER A 175 -13.36 13.42 -4.29
CA SER A 175 -13.03 14.61 -3.48
C SER A 175 -11.52 14.90 -3.46
N LEU A 176 -10.66 13.92 -3.77
CA LEU A 176 -9.23 14.24 -3.88
C LEU A 176 -9.04 15.30 -4.96
N PHE A 177 -9.82 15.12 -6.01
CA PHE A 177 -9.73 15.95 -7.22
C PHE A 177 -10.52 17.26 -7.06
N THR A 178 -11.75 17.17 -6.56
CA THR A 178 -12.59 18.37 -6.41
C THR A 178 -11.94 19.35 -5.42
N GLU A 179 -11.27 18.84 -4.37
CA GLU A 179 -10.73 19.76 -3.37
C GLU A 179 -9.39 20.40 -3.76
N THR A 180 -8.86 20.06 -4.92
CA THR A 180 -7.67 20.78 -5.41
C THR A 180 -8.04 22.13 -5.98
N GLY A 181 -9.27 22.24 -6.48
CA GLY A 181 -9.72 23.44 -7.17
C GLY A 181 -9.18 23.57 -8.58
N LYS A 182 -8.40 22.59 -9.05
CA LYS A 182 -7.79 22.69 -10.37
C LYS A 182 -8.87 22.73 -11.43
N THR A 183 -8.54 23.37 -12.54
CA THR A 183 -9.36 23.46 -13.73
C THR A 183 -9.65 22.06 -14.32
N GLY A 184 -10.89 21.84 -14.74
CA GLY A 184 -11.29 20.57 -15.34
C GLY A 184 -11.93 19.62 -14.35
N CYS A 185 -11.64 19.86 -13.06
CA CYS A 185 -12.11 19.00 -11.99
C CYS A 185 -13.54 19.37 -11.61
N HIS A 186 -14.06 20.41 -12.26
CA HIS A 186 -15.45 20.85 -12.10
C HIS A 186 -16.46 19.71 -12.34
N ASN A 187 -16.11 18.79 -13.24
CA ASN A 187 -16.95 17.70 -13.74
C ASN A 187 -17.15 16.51 -12.74
N ILE A 188 -16.17 16.32 -11.87
CA ILE A 188 -16.13 15.24 -10.87
C ILE A 188 -16.94 15.65 -9.65
N SER A 189 -17.61 14.72 -8.96
CA SER A 189 -18.27 15.07 -7.70
C SER A 189 -17.47 14.55 -6.48
N PRO A 190 -17.65 15.16 -5.29
CA PRO A 190 -16.86 14.67 -4.16
C PRO A 190 -17.08 13.18 -3.84
N CYS A 191 -18.23 12.61 -4.20
CA CYS A 191 -18.50 11.20 -3.91
C CYS A 191 -18.23 10.24 -5.08
N SER A 192 -17.67 10.79 -6.15
CA SER A 192 -17.30 9.99 -7.32
C SER A 192 -16.29 8.95 -6.93
N GLY A 193 -16.19 7.91 -7.75
CA GLY A 193 -15.19 6.90 -7.54
C GLY A 193 -13.82 7.31 -8.07
N CYS A 194 -12.94 6.31 -8.18
CA CYS A 194 -11.57 6.54 -8.50
C CYS A 194 -11.05 5.26 -9.13
N ILE A 195 -10.17 5.38 -10.13
CA ILE A 195 -9.46 4.24 -10.67
C ILE A 195 -8.01 4.43 -10.37
N TYR A 196 -7.48 3.69 -9.39
CA TYR A 196 -6.07 3.80 -9.04
C TYR A 196 -5.24 2.80 -9.90
N LEU A 197 -4.16 3.28 -10.53
CA LEU A 197 -3.21 2.39 -11.25
C LEU A 197 -1.77 2.63 -10.91
N ASP A 198 -0.98 1.55 -10.80
CA ASP A 198 0.46 1.69 -10.84
C ASP A 198 0.87 2.25 -12.21
N ALA A 199 1.97 2.98 -12.25
CA ALA A 199 2.42 3.62 -13.50
C ALA A 199 2.85 2.65 -14.60
N ASP A 200 3.04 1.38 -14.26
CA ASP A 200 3.38 0.34 -15.25
C ASP A 200 2.13 -0.43 -15.71
N MET A 201 0.94 0.06 -15.36
CA MET A 201 -0.31 -0.52 -15.84
C MET A 201 -0.65 0.17 -17.14
N ILE A 202 -0.42 -0.48 -18.28
CA ILE A 202 -0.43 0.27 -19.54
C ILE A 202 -1.82 0.30 -20.14
N ILE A 203 -2.41 1.49 -20.33
CA ILE A 203 -3.71 1.61 -20.95
C ILE A 203 -3.47 1.64 -22.49
N THR A 204 -4.22 0.84 -23.24
CA THR A 204 -4.01 0.73 -24.71
C THR A 204 -5.16 1.32 -25.52
N ASP A 205 -6.29 1.51 -24.84
CA ASP A 205 -7.46 2.15 -25.45
C ASP A 205 -8.35 2.60 -24.32
N LYS A 206 -9.42 3.32 -24.64
CA LYS A 206 -10.31 3.84 -23.62
C LYS A 206 -10.93 2.73 -22.79
N LEU A 207 -11.05 2.94 -21.48
CA LEU A 207 -11.54 1.88 -20.58
C LEU A 207 -13.05 1.75 -20.59
N GLY A 208 -13.75 2.87 -20.85
CA GLY A 208 -15.19 2.84 -20.83
C GLY A 208 -15.72 2.67 -19.38
N VAL A 209 -16.94 2.17 -19.25
CA VAL A 209 -17.55 1.93 -17.95
C VAL A 209 -16.92 0.68 -17.35
N LEU A 210 -16.55 0.69 -16.07
CA LEU A 210 -16.00 -0.49 -15.39
C LEU A 210 -17.06 -1.08 -14.45
N TYR A 211 -16.92 -2.35 -14.09
CA TYR A 211 -17.92 -2.97 -13.21
C TYR A 211 -17.22 -3.72 -12.09
N ALA A 212 -17.70 -3.59 -10.86
CA ALA A 212 -16.97 -4.17 -9.71
C ALA A 212 -17.98 -4.65 -8.70
N PRO A 213 -17.76 -5.82 -8.11
CA PRO A 213 -18.72 -6.34 -7.12
C PRO A 213 -18.81 -5.43 -5.90
N ASP A 214 -20.03 -5.03 -5.57
CA ASP A 214 -20.24 -4.03 -4.53
C ASP A 214 -19.33 -2.80 -4.69
N GLY A 215 -18.90 -2.49 -5.91
CA GLY A 215 -18.20 -1.24 -6.13
C GLY A 215 -16.71 -1.24 -5.85
N ILE A 216 -16.11 -2.41 -5.64
CA ILE A 216 -14.67 -2.42 -5.50
C ILE A 216 -14.06 -3.64 -6.19
N ALA A 217 -12.89 -3.46 -6.75
CA ALA A 217 -12.13 -4.57 -7.36
C ALA A 217 -10.66 -4.25 -7.34
N VAL A 218 -9.80 -5.28 -7.22
CA VAL A 218 -8.38 -5.02 -7.14
C VAL A 218 -7.57 -5.97 -8.03
N HIS A 219 -6.38 -5.56 -8.40
CA HIS A 219 -5.44 -6.42 -9.12
C HIS A 219 -5.20 -7.78 -8.42
N VAL A 220 -5.12 -8.83 -9.23
CA VAL A 220 -4.70 -10.10 -8.73
C VAL A 220 -3.46 -10.53 -9.53
N ASP A 221 -2.38 -10.78 -8.81
CA ASP A 221 -1.15 -11.24 -9.41
C ASP A 221 -1.22 -12.76 -9.49
N CYS A 222 -0.75 -13.32 -10.59
CA CYS A 222 -0.71 -14.78 -10.58
C CYS A 222 0.68 -15.22 -10.97
N ASN A 223 1.51 -15.51 -9.97
CA ASN A 223 2.87 -15.98 -10.21
C ASN A 223 3.02 -17.46 -9.87
N ASP A 224 3.26 -18.26 -10.90
CA ASP A 224 3.46 -19.71 -10.75
C ASP A 224 2.21 -20.41 -10.21
N GLU A 225 1.06 -20.13 -10.82
CA GLU A 225 -0.25 -20.67 -10.42
C GLU A 225 -0.66 -20.24 -9.00
N ILE A 226 0.09 -19.30 -8.42
CA ILE A 226 -0.26 -18.80 -7.09
C ILE A 226 -0.90 -17.42 -7.20
N LYS A 227 -2.14 -17.26 -6.74
CA LYS A 227 -2.84 -15.96 -6.86
C LYS A 227 -2.54 -15.11 -5.64
N SER A 228 -2.48 -13.79 -5.83
CA SER A 228 -2.32 -12.89 -4.72
C SER A 228 -3.13 -11.62 -4.98
N LEU A 229 -3.91 -11.19 -4.01
CA LEU A 229 -4.56 -9.90 -4.12
C LEU A 229 -3.46 -8.86 -4.10
N GLU A 230 -3.53 -7.80 -4.92
CA GLU A 230 -2.47 -6.83 -4.94
C GLU A 230 -3.03 -5.40 -4.95
N ASN A 231 -2.21 -4.41 -4.64
CA ASN A 231 -2.77 -3.04 -4.55
C ASN A 231 -2.32 -2.19 -5.73
N GLY A 232 -1.81 -2.83 -6.80
CA GLY A 232 -1.29 -2.07 -7.93
C GLY A 232 -2.32 -1.61 -8.94
N ALA A 233 -3.54 -2.11 -8.80
CA ALA A 233 -4.71 -1.47 -9.35
C ALA A 233 -5.87 -1.66 -8.39
N ILE A 234 -6.60 -0.58 -8.16
CA ILE A 234 -7.73 -0.57 -7.25
C ILE A 234 -8.81 0.31 -7.84
N VAL A 235 -10.02 -0.21 -8.04
CA VAL A 235 -11.09 0.64 -8.55
C VAL A 235 -12.23 0.67 -7.54
N VAL A 236 -12.81 1.85 -7.32
CA VAL A 236 -13.96 1.97 -6.39
C VAL A 236 -15.01 2.84 -7.08
N ASN A 237 -16.27 2.56 -6.79
CA ASN A 237 -17.34 3.30 -7.45
C ASN A 237 -17.78 4.55 -6.68
N ARG A 238 -17.17 4.79 -5.52
CA ARG A 238 -17.58 5.94 -4.66
C ARG A 238 -16.49 6.26 -3.66
N SER A 239 -16.54 7.47 -3.11
CA SER A 239 -15.63 7.82 -2.06
C SER A 239 -16.00 7.07 -0.77
N ASN A 240 -15.02 6.94 0.13
CA ASN A 240 -15.17 6.27 1.43
C ASN A 240 -15.76 4.90 1.27
N HIS A 241 -15.24 4.16 0.30
CA HIS A 241 -15.79 2.82 0.07
C HIS A 241 -15.62 2.00 1.39
N PRO A 242 -16.67 1.26 1.82
CA PRO A 242 -16.65 0.57 3.11
C PRO A 242 -15.54 -0.44 3.29
N ALA A 243 -15.03 -1.04 2.19
CA ALA A 243 -13.88 -1.94 2.36
C ALA A 243 -12.61 -1.21 2.78
N LEU A 244 -12.40 -0.04 2.17
CA LEU A 244 -11.28 0.78 2.61
C LEU A 244 -11.49 1.41 4.00
N LEU A 245 -12.73 1.72 4.37
CA LEU A 245 -13.02 2.16 5.75
C LEU A 245 -12.70 1.04 6.73
N ALA A 246 -13.04 -0.18 6.36
CA ALA A 246 -12.68 -1.32 7.24
C ALA A 246 -11.17 -1.48 7.41
N GLY A 247 -10.43 -1.28 6.33
CA GLY A 247 -8.98 -1.34 6.40
C GLY A 247 -8.41 -0.20 7.26
N LEU A 248 -9.00 0.99 7.14
CA LEU A 248 -8.51 2.14 7.96
C LEU A 248 -8.78 1.85 9.43
N ASP A 249 -9.95 1.27 9.71
CA ASP A 249 -10.22 0.88 11.09
C ASP A 249 -9.18 -0.10 11.63
N ILE A 250 -8.70 -1.03 10.78
CA ILE A 250 -7.67 -1.91 11.22
C ILE A 250 -6.33 -1.18 11.43
N MET A 251 -6.00 -0.26 10.51
CA MET A 251 -4.74 0.54 10.70
C MET A 251 -4.79 1.34 12.02
N LYS A 252 -6.00 1.73 12.41
CA LYS A 252 -6.22 2.45 13.70
C LYS A 252 -6.25 1.59 14.95
N SER A 253 -6.24 0.28 14.79
CA SER A 253 -6.44 -0.63 15.91
C SER A 253 -5.32 -1.66 16.11
N LYS A 254 -4.63 -2.04 15.04
CA LYS A 254 -3.73 -3.19 15.08
C LYS A 254 -2.31 -2.61 15.04
N VAL A 255 -1.55 -2.78 16.12
CA VAL A 255 -0.32 -1.98 16.21
C VAL A 255 0.74 -2.41 15.21
N ASP A 256 0.72 -3.68 14.80
CA ASP A 256 1.71 -4.11 13.78
C ASP A 256 1.12 -4.15 12.35
N ALA A 257 0.05 -3.41 12.14
CA ALA A 257 -0.64 -3.37 10.83
C ALA A 257 0.25 -2.80 9.75
N HIS A 258 -0.02 -3.27 8.54
CA HIS A 258 0.71 -2.81 7.34
C HIS A 258 -0.33 -2.29 6.35
N PRO A 259 -0.06 -1.12 5.67
CA PRO A 259 -1.12 -0.52 4.86
C PRO A 259 -1.53 -1.41 3.68
N TYR A 260 -0.61 -2.24 3.21
CA TYR A 260 -0.99 -3.18 2.15
C TYR A 260 -1.72 -4.39 2.73
N TYR A 261 -1.05 -5.18 3.57
CA TYR A 261 -1.67 -6.42 4.02
C TYR A 261 -2.98 -6.16 4.75
N ASP A 262 -2.96 -5.11 5.56
CA ASP A 262 -4.10 -4.82 6.45
C ASP A 262 -5.02 -3.68 5.91
N GLY A 263 -4.42 -2.57 5.54
CA GLY A 263 -5.20 -1.41 5.13
C GLY A 263 -5.99 -1.67 3.85
N LEU A 264 -5.42 -2.49 2.97
CA LEU A 264 -6.13 -2.87 1.75
C LEU A 264 -6.65 -4.31 1.85
N GLY A 265 -5.72 -5.24 2.03
CA GLY A 265 -6.07 -6.65 2.00
C GLY A 265 -7.07 -7.09 3.06
N LYS A 266 -6.75 -6.91 4.33
CA LYS A 266 -7.71 -7.28 5.37
C LYS A 266 -8.99 -6.47 5.30
N GLY A 267 -8.90 -5.20 4.88
CA GLY A 267 -10.11 -4.40 4.73
C GLY A 267 -11.11 -5.00 3.76
N ILE A 268 -10.61 -5.41 2.60
CA ILE A 268 -11.50 -5.96 1.62
C ILE A 268 -11.97 -7.38 2.03
N LYS A 269 -11.11 -8.14 2.69
CA LYS A 269 -11.52 -9.45 3.22
C LYS A 269 -12.62 -9.32 4.24
N ARG A 270 -12.45 -8.44 5.25
CA ARG A 270 -13.55 -8.20 6.20
C ARG A 270 -14.82 -7.75 5.53
N HIS A 271 -14.69 -6.82 4.58
CA HIS A 271 -15.84 -6.29 3.92
C HIS A 271 -16.74 -7.40 3.34
N PHE A 272 -16.11 -8.39 2.71
CA PHE A 272 -16.86 -9.52 2.12
C PHE A 272 -16.95 -10.77 3.00
N ASN A 273 -16.59 -10.65 4.27
CA ASN A 273 -16.66 -11.71 5.28
C ASN A 273 -15.78 -12.93 4.95
N TYR A 274 -14.68 -12.66 4.26
CA TYR A 274 -13.68 -13.70 3.97
C TYR A 274 -13.00 -14.06 5.28
N SER A 275 -12.86 -15.37 5.58
CA SER A 275 -12.12 -15.77 6.78
C SER A 275 -11.31 -16.99 6.43
N SER A 276 -10.63 -17.55 7.42
CA SER A 276 -9.90 -18.81 7.23
C SER A 276 -10.81 -19.98 6.79
N LEU A 277 -12.11 -19.85 6.97
CA LEU A 277 -13.06 -20.83 6.47
C LEU A 277 -13.05 -20.89 4.94
N HIS A 278 -12.67 -19.80 4.26
CA HIS A 278 -12.97 -19.68 2.83
C HIS A 278 -11.74 -19.95 2.00
N ASN A 279 -11.94 -20.04 0.69
CA ASN A 279 -10.86 -20.41 -0.23
C ASN A 279 -10.27 -19.16 -0.86
N TYR A 280 -8.98 -18.93 -0.64
CA TYR A 280 -8.37 -17.68 -1.07
C TYR A 280 -8.42 -17.47 -2.58
N ASN A 281 -8.18 -18.55 -3.33
CA ASN A 281 -8.21 -18.41 -4.76
C ASN A 281 -9.59 -18.03 -5.27
N ALA A 282 -10.63 -18.60 -4.65
CA ALA A 282 -11.99 -18.26 -5.03
C ALA A 282 -12.25 -16.78 -4.72
N PHE A 283 -11.68 -16.33 -3.62
CA PHE A 283 -11.94 -14.92 -3.27
C PHE A 283 -11.22 -14.00 -4.27
N CYS A 284 -9.98 -14.38 -4.64
CA CYS A 284 -9.26 -13.62 -5.69
C CYS A 284 -10.08 -13.53 -6.97
N ASP A 285 -10.62 -14.68 -7.39
CA ASP A 285 -11.46 -14.70 -8.59
C ASP A 285 -12.64 -13.77 -8.47
N PHE A 286 -13.19 -13.69 -7.27
CA PHE A 286 -14.37 -12.90 -7.05
C PHE A 286 -14.03 -11.40 -7.14
N ILE A 287 -12.94 -11.00 -6.47
CA ILE A 287 -12.64 -9.57 -6.35
C ILE A 287 -11.76 -9.01 -7.46
N GLU A 288 -11.32 -9.85 -8.41
CA GLU A 288 -10.33 -9.41 -9.38
C GLU A 288 -10.78 -8.26 -10.32
N PHE A 289 -9.89 -7.28 -10.49
CA PHE A 289 -10.01 -6.28 -11.51
C PHE A 289 -9.08 -6.67 -12.63
N LYS A 290 -9.66 -6.88 -13.81
CA LYS A 290 -8.85 -7.05 -15.00
C LYS A 290 -9.60 -6.43 -16.20
N HIS A 291 -8.86 -5.95 -17.18
CA HIS A 291 -9.49 -5.24 -18.28
C HIS A 291 -8.71 -5.52 -19.56
N GLU A 292 -9.40 -5.79 -20.68
CA GLU A 292 -8.65 -6.12 -21.89
C GLU A 292 -7.80 -4.96 -22.38
N ASN A 293 -8.19 -3.71 -22.05
CA ASN A 293 -7.40 -2.58 -22.47
C ASN A 293 -6.31 -2.14 -21.49
N ILE A 294 -5.99 -2.97 -20.51
CA ILE A 294 -4.84 -2.66 -19.65
C ILE A 294 -3.83 -3.75 -19.66
N ILE A 295 -2.57 -3.40 -19.92
CA ILE A 295 -1.53 -4.43 -19.83
C ILE A 295 -0.96 -4.28 -18.43
N PRO A 296 -1.20 -5.28 -17.61
CA PRO A 296 -0.88 -5.05 -16.18
C PRO A 296 0.58 -5.24 -15.79
N ASN A 297 1.01 -4.43 -14.80
CA ASN A 297 2.26 -4.63 -14.09
C ASN A 297 3.47 -4.91 -14.98
N THR A 298 3.78 -3.96 -15.87
CA THR A 298 4.80 -4.27 -16.87
C THR A 298 6.19 -4.20 -16.29
N SER A 299 6.31 -3.76 -15.04
CA SER A 299 7.58 -3.90 -14.36
C SER A 299 7.97 -5.36 -14.20
N MET A 300 7.03 -6.25 -14.38
CA MET A 300 7.40 -7.68 -14.34
C MET A 300 8.42 -8.02 -15.47
N TYR A 301 8.49 -7.21 -16.52
CA TYR A 301 9.47 -7.45 -17.59
C TYR A 301 10.77 -6.76 -17.37
N THR A 302 10.85 -5.90 -16.35
CA THR A 302 12.12 -5.23 -16.05
C THR A 302 12.56 -5.52 -14.63
N SER A 303 12.21 -4.63 -13.71
CA SER A 303 12.53 -4.83 -12.33
C SER A 303 11.55 -3.98 -11.52
N SER A 304 11.39 -4.32 -10.25
CA SER A 304 10.64 -3.45 -9.31
C SER A 304 11.36 -2.14 -9.09
N SER A 305 10.64 -1.02 -8.98
CA SER A 305 11.30 0.24 -8.75
C SER A 305 11.40 0.52 -7.24
N TRP A 306 10.97 -0.41 -6.39
CA TRP A 306 11.18 -0.23 -4.94
C TRP A 306 11.81 -1.47 -4.27
N ASP B 4 23.73 -20.41 9.69
CA ASP B 4 24.17 -19.15 9.10
C ASP B 4 22.96 -18.24 8.88
N LEU B 5 22.02 -18.72 8.08
CA LEU B 5 20.71 -18.07 7.96
C LEU B 5 20.04 -18.10 9.30
N CYS B 6 20.23 -19.20 10.03
CA CYS B 6 19.63 -19.34 11.35
C CYS B 6 20.10 -18.24 12.30
N ALA B 7 21.38 -17.90 12.24
CA ALA B 7 21.92 -16.84 13.08
C ALA B 7 21.38 -15.47 12.60
N ALA B 8 21.27 -15.30 11.29
CA ALA B 8 20.67 -14.06 10.79
C ALA B 8 19.22 -13.94 11.32
N PHE B 9 18.44 -15.02 11.23
CA PHE B 9 17.06 -15.01 11.74
C PHE B 9 16.99 -14.67 13.21
N ASN B 10 17.92 -15.24 13.98
CA ASN B 10 17.97 -14.92 15.39
C ASN B 10 18.21 -13.43 15.66
N VAL B 11 19.14 -12.83 14.93
CA VAL B 11 19.38 -11.38 15.06
C VAL B 11 18.13 -10.57 14.70
N ILE B 12 17.49 -10.90 13.58
CA ILE B 12 16.22 -10.21 13.24
C ILE B 12 15.13 -10.38 14.29
N CYS B 13 14.88 -11.61 14.76
CA CYS B 13 13.85 -11.81 15.77
C CYS B 13 14.17 -11.11 17.09
N ASP B 14 15.45 -10.97 17.37
CA ASP B 14 15.89 -10.29 18.60
C ASP B 14 15.65 -8.76 18.50
N ASN B 15 15.54 -8.24 17.28
CA ASN B 15 15.53 -6.79 17.10
C ASN B 15 14.32 -6.15 16.42
N VAL B 16 13.50 -6.96 15.78
CA VAL B 16 12.41 -6.45 14.95
C VAL B 16 11.11 -6.80 15.64
N GLY B 17 10.28 -5.80 15.89
CA GLY B 17 9.02 -6.00 16.60
C GLY B 17 7.83 -5.56 15.76
N LYS B 18 7.32 -4.41 16.12
CA LYS B 18 6.15 -3.77 15.60
C LYS B 18 6.17 -3.68 14.06
N ASP B 19 7.36 -3.52 13.49
CA ASP B 19 7.44 -3.34 12.02
C ASP B 19 7.71 -4.56 11.21
N TRP B 20 7.53 -5.74 11.77
CA TRP B 20 7.88 -6.93 11.04
C TRP B 20 7.18 -7.09 9.69
N ARG B 21 5.98 -6.56 9.53
CA ARG B 21 5.31 -6.83 8.25
C ARG B 21 5.97 -6.08 7.11
N ARG B 22 6.59 -4.92 7.38
CA ARG B 22 7.33 -4.20 6.36
C ARG B 22 8.46 -5.04 5.79
N LEU B 23 9.15 -5.76 6.66
CA LEU B 23 10.20 -6.66 6.20
C LEU B 23 9.62 -7.85 5.41
N ALA B 24 8.53 -8.42 5.93
CA ALA B 24 7.82 -9.50 5.22
C ALA B 24 7.45 -9.05 3.83
N ARG B 25 6.95 -7.82 3.69
CA ARG B 25 6.53 -7.37 2.35
C ARG B 25 7.74 -7.14 1.46
N GLN B 26 8.80 -6.58 2.02
CA GLN B 26 10.05 -6.44 1.27
C GLN B 26 10.58 -7.80 0.81
N LEU B 27 10.37 -8.84 1.62
CA LEU B 27 10.77 -10.20 1.28
C LEU B 27 9.77 -10.89 0.35
N LYS B 28 8.71 -10.17 -0.03
CA LYS B 28 7.61 -10.65 -0.87
C LYS B 28 6.85 -11.87 -0.29
N VAL B 29 6.76 -11.95 1.02
CA VAL B 29 5.88 -12.94 1.63
C VAL B 29 4.40 -12.68 1.25
N SER B 30 3.70 -13.71 0.76
CA SER B 30 2.39 -13.42 0.20
C SER B 30 1.37 -13.05 1.26
N ASP B 31 0.39 -12.27 0.81
CA ASP B 31 -0.76 -11.91 1.58
C ASP B 31 -1.46 -13.10 2.32
N THR B 32 -1.72 -14.18 1.59
CA THR B 32 -2.39 -15.26 2.26
C THR B 32 -1.48 -15.99 3.28
N LYS B 33 -0.16 -15.99 3.09
CA LYS B 33 0.73 -16.55 4.10
C LYS B 33 0.78 -15.66 5.36
N ILE B 34 0.70 -14.35 5.17
CA ILE B 34 0.59 -13.49 6.36
C ILE B 34 -0.71 -13.79 7.12
N ASP B 35 -1.82 -14.02 6.40
CA ASP B 35 -3.07 -14.43 7.05
C ASP B 35 -2.80 -15.66 7.96
N SER B 36 -2.14 -16.66 7.39
CA SER B 36 -1.90 -17.91 8.10
C SER B 36 -1.01 -17.71 9.33
N ILE B 37 0.03 -16.88 9.18
CA ILE B 37 0.91 -16.58 10.34
C ILE B 37 0.14 -15.96 11.50
N GLU B 38 -0.67 -14.97 11.17
CA GLU B 38 -1.45 -14.28 12.17
C GLU B 38 -2.45 -15.21 12.86
N ASP B 39 -3.08 -16.09 12.09
CA ASP B 39 -4.04 -17.05 12.64
C ASP B 39 -3.35 -17.99 13.64
N ARG B 40 -2.15 -18.45 13.27
CA ARG B 40 -1.42 -19.40 14.08
C ARG B 40 -0.69 -18.79 15.26
N TYR B 41 -0.38 -17.49 15.21
CA TYR B 41 0.33 -16.87 16.34
C TYR B 41 -0.31 -15.54 16.66
N PRO B 42 -1.57 -15.58 17.12
CA PRO B 42 -2.33 -14.34 17.32
C PRO B 42 -1.84 -13.51 18.53
N ARG B 43 -1.10 -14.15 19.42
CA ARG B 43 -0.74 -13.47 20.67
C ARG B 43 0.75 -13.55 20.86
N ASN B 44 1.49 -13.75 19.76
CA ASN B 44 2.94 -13.88 19.82
C ASN B 44 3.67 -13.23 18.64
N LEU B 45 3.84 -11.93 18.75
CA LEU B 45 4.52 -11.10 17.75
C LEU B 45 5.87 -11.64 17.31
N THR B 46 6.73 -12.03 18.27
CA THR B 46 8.05 -12.54 17.87
C THR B 46 7.98 -13.81 17.05
N GLU B 47 7.05 -14.67 17.40
CA GLU B 47 6.90 -15.88 16.62
C GLU B 47 6.37 -15.58 15.21
N ARG B 48 5.57 -14.51 15.07
CA ARG B 48 5.14 -14.09 13.73
C ARG B 48 6.31 -13.68 12.86
N VAL B 49 7.23 -12.88 13.40
CA VAL B 49 8.46 -12.57 12.64
C VAL B 49 9.22 -13.82 12.19
N ARG B 50 9.41 -14.73 13.12
CA ARG B 50 10.19 -15.91 12.81
C ARG B 50 9.51 -16.74 11.76
N GLU B 51 8.20 -16.87 11.86
CA GLU B 51 7.48 -17.67 10.86
C GLU B 51 7.56 -17.01 9.50
N SER B 52 7.51 -15.68 9.44
CA SER B 52 7.63 -15.02 8.14
C SER B 52 9.02 -15.28 7.48
N LEU B 53 10.05 -15.29 8.30
CA LEU B 53 11.41 -15.57 7.79
C LEU B 53 11.53 -17.02 7.26
N ARG B 54 10.99 -17.95 8.03
CA ARG B 54 10.92 -19.37 7.66
C ARG B 54 10.16 -19.60 6.33
N ILE B 55 9.05 -18.89 6.14
CA ILE B 55 8.30 -18.95 4.89
C ILE B 55 9.09 -18.37 3.73
N TRP B 56 9.78 -17.25 3.94
CA TRP B 56 10.63 -16.73 2.90
C TRP B 56 11.71 -17.74 2.51
N LYS B 57 12.29 -18.38 3.52
CA LYS B 57 13.39 -19.35 3.27
C LYS B 57 12.87 -20.51 2.43
N ASN B 58 11.75 -21.07 2.85
CA ASN B 58 11.12 -22.16 2.10
C ASN B 58 10.70 -21.79 0.69
N THR B 59 10.35 -20.52 0.48
CA THR B 59 9.91 -20.06 -0.84
C THR B 59 11.08 -19.79 -1.79
N GLU B 60 12.16 -19.20 -1.27
CA GLU B 60 13.27 -18.77 -2.14
C GLU B 60 14.32 -19.86 -2.31
N LYS B 61 14.22 -20.92 -1.51
CA LYS B 61 15.14 -22.07 -1.59
C LYS B 61 16.61 -21.68 -1.47
N GLU B 62 17.34 -21.81 -2.56
CA GLU B 62 18.78 -21.58 -2.55
C GLU B 62 19.10 -20.10 -2.67
N ASN B 63 18.18 -19.33 -3.28
CA ASN B 63 18.28 -17.87 -3.28
C ASN B 63 18.02 -17.23 -1.90
N ALA B 64 17.66 -18.06 -0.93
CA ALA B 64 17.50 -17.60 0.45
C ALA B 64 18.84 -17.49 1.16
N THR B 65 19.50 -16.35 0.96
CA THR B 65 20.85 -16.11 1.49
C THR B 65 20.90 -14.96 2.45
N VAL B 66 21.96 -14.90 3.26
CA VAL B 66 22.15 -13.79 4.18
C VAL B 66 22.29 -12.47 3.41
N ALA B 67 22.98 -12.52 2.28
CA ALA B 67 23.12 -11.33 1.44
C ALA B 67 21.76 -10.74 1.03
N HIS B 68 20.88 -11.62 0.56
CA HIS B 68 19.54 -11.23 0.14
C HIS B 68 18.76 -10.63 1.32
N LEU B 69 18.81 -11.30 2.47
CA LEU B 69 18.20 -10.84 3.72
C LEU B 69 18.72 -9.46 4.11
N VAL B 70 20.03 -9.25 4.02
CA VAL B 70 20.56 -7.94 4.37
C VAL B 70 20.13 -6.86 3.39
N GLY B 71 20.09 -7.19 2.10
CA GLY B 71 19.63 -6.23 1.10
C GLY B 71 18.19 -5.80 1.38
N ALA B 72 17.36 -6.75 1.80
CA ALA B 72 15.94 -6.46 2.08
C ALA B 72 15.80 -5.58 3.33
N LEU B 73 16.58 -5.89 4.36
CA LEU B 73 16.60 -5.07 5.57
C LEU B 73 16.97 -3.62 5.23
N ARG B 74 18.01 -3.46 4.40
CA ARG B 74 18.46 -2.12 4.05
C ARG B 74 17.42 -1.42 3.22
N SER B 75 16.82 -2.15 2.29
CA SER B 75 15.80 -1.60 1.42
C SER B 75 14.56 -1.09 2.14
N CYS B 76 14.18 -1.69 3.27
CA CYS B 76 12.97 -1.23 3.95
C CYS B 76 13.37 -0.47 5.19
N GLN B 77 14.59 0.07 5.11
CA GLN B 77 15.12 1.00 6.10
C GLN B 77 15.25 0.40 7.49
N MET B 78 15.71 -0.84 7.59
CA MET B 78 16.12 -1.41 8.88
C MET B 78 17.65 -1.57 8.87
N ASN B 79 18.37 -0.46 8.79
CA ASN B 79 19.80 -0.54 8.48
C ASN B 79 20.64 -0.98 9.68
N LEU B 80 20.15 -0.68 10.90
CA LEU B 80 20.84 -1.10 12.11
C LEU B 80 20.70 -2.60 12.34
N VAL B 81 19.51 -3.13 12.05
CA VAL B 81 19.32 -4.56 12.10
C VAL B 81 20.24 -5.21 11.07
N ALA B 82 20.30 -4.65 9.86
CA ALA B 82 21.20 -5.22 8.84
C ALA B 82 22.68 -5.19 9.33
N ASP B 83 23.05 -4.12 10.01
CA ASP B 83 24.41 -4.01 10.59
C ASP B 83 24.72 -5.15 11.56
N LEU B 84 23.84 -5.39 12.54
CA LEU B 84 24.01 -6.51 13.46
C LEU B 84 24.06 -7.85 12.74
N VAL B 85 23.23 -8.03 11.72
CA VAL B 85 23.22 -9.30 11.00
C VAL B 85 24.60 -9.51 10.40
N GLN B 86 25.14 -8.45 9.79
CA GLN B 86 26.40 -8.59 9.08
C GLN B 86 27.54 -8.75 10.07
N GLU B 87 27.36 -8.15 11.23
CA GLU B 87 28.26 -8.27 12.38
C GLU B 87 28.38 -9.73 12.85
N VAL B 88 27.24 -10.35 13.12
CA VAL B 88 27.20 -11.73 13.61
C VAL B 88 27.66 -12.71 12.54
N GLN B 89 27.56 -12.31 11.27
CA GLN B 89 27.93 -13.23 10.18
C GLN B 89 29.42 -13.37 10.03
N GLN B 90 30.09 -12.22 9.95
CA GLN B 90 31.54 -12.19 9.85
C GLN B 90 32.17 -12.51 11.21
#